data_7CO8
#
_entry.id   7CO8
#
_cell.length_a   60.310
_cell.length_b   69.200
_cell.length_c   117.860
_cell.angle_alpha   90.000
_cell.angle_beta   90.000
_cell.angle_gamma   90.000
#
_symmetry.space_group_name_H-M   'P 21 21 21'
#
loop_
_entity.id
_entity.type
_entity.pdbx_description
1 polymer 'DNA-directed DNA/RNA polymerase mu'
2 polymer "DNA (5'-D(*CP*GP*GP*CP*TP*TP*TP*AP*CP*G)-3')"
3 polymer "DNA (5'-D(*CP*GP*TP*A)-3')"
4 polymer "DNA (5'-D(P*GP*CP*CP*G)-3')"
5 non-polymer "2'-deoxy-5'-O-[(R)-hydroxy{[(R)-hydroxy(phosphonooxy)phosphoryl]amino}phosphoryl]guanosine"
6 non-polymer 'POTASSIUM ION'
7 non-polymer 'MAGNESIUM ION'
8 water water
#
loop_
_entity_poly.entity_id
_entity_poly.type
_entity_poly.pdbx_seq_one_letter_code
_entity_poly.pdbx_strand_id
1 'polypeptide(L)'
;MLPKRRRARVGSPSGDAASSTPPSTRFPGVAIYLVEPRMGRSRRAFLTGLARSKGFRVLDACSSEATHVVMEETSAEEAV
SWQERRMAAAPPGCTPPALLDISWLTESLGAGQPVPVECRHRLEVAGPRKGPLSPAWMPAYACQRPTPLTHHNTGLSEAL
EILAEAAGFEGSEGRLLTFCRAASVLKALPSPVTTLSQLQGLPHFGEHSSRVVQELLEHGVCEEVERVRRSERYQTMKLF
TQIFGVGVKTADRWYREGLRTLDDLREQPQKLTQQQKAGLQHHQDLSTPVLRSDVDALQQVVEEAVGQALPGATVTLTGG
FRRGKLQGHDVDFLITHPKEGQEAGLLPRVMCRLQDQGLILYHQHQHSCCESPTRLAQQSHMDAFERSFCIFRLPQPGSW
KAVRVDLVVAPVSQFPFALLGWTGSKLFQRELRRFSRKEKGLWLNSHGLFDPEQKTFFQAASEEDIFRHLGLEYLPPEQR
NA
;
A
2 'polydeoxyribonucleotide' (DC)(DG)(DG)(DC)(DT)(DT)(DT)(DA)(DC)(DG) T
3 'polydeoxyribonucleotide' (DC)(DG)(DT)(DA) P
4 'polydeoxyribonucleotide' (DG)(DC)(DC)(DG) D
#
loop_
_chem_comp.id
_chem_comp.type
_chem_comp.name
_chem_comp.formula
DA DNA linking 2'-DEOXYADENOSINE-5'-MONOPHOSPHATE 'C10 H14 N5 O6 P'
DC DNA linking 2'-DEOXYCYTIDINE-5'-MONOPHOSPHATE 'C9 H14 N3 O7 P'
DG DNA linking 2'-DEOXYGUANOSINE-5'-MONOPHOSPHATE 'C10 H14 N5 O7 P'
DT DNA linking THYMIDINE-5'-MONOPHOSPHATE 'C10 H15 N2 O8 P'
K non-polymer 'POTASSIUM ION' 'K 1'
MG non-polymer 'MAGNESIUM ION' 'Mg 2'
XG4 non-polymer 2'-deoxy-5'-O-[(R)-hydroxy{[(R)-hydroxy(phosphonooxy)phosphoryl]amino}phosphoryl]guanosine 'C10 H17 N6 O12 P3'
#
# COMPACT_ATOMS: atom_id res chain seq x y z
N PRO A 139 22.33 -3.59 5.48
CA PRO A 139 21.87 -4.81 4.80
C PRO A 139 21.21 -4.51 3.43
N ALA A 140 21.24 -5.49 2.53
CA ALA A 140 20.81 -5.24 1.16
C ALA A 140 19.29 -5.26 1.01
N TYR A 141 18.59 -6.01 1.86
CA TYR A 141 17.14 -6.13 1.77
C TYR A 141 16.44 -5.22 2.78
N ALA A 142 15.32 -4.62 2.37
CA ALA A 142 14.60 -3.73 3.28
C ALA A 142 14.07 -4.46 4.49
N CYS A 143 13.78 -5.76 4.37
CA CYS A 143 13.27 -6.51 5.51
C CYS A 143 14.36 -6.83 6.52
N GLN A 144 15.62 -6.48 6.25
CA GLN A 144 16.72 -6.71 7.17
C GLN A 144 17.04 -5.51 8.02
N ARG A 145 16.28 -4.43 7.88
CA ARG A 145 16.62 -3.22 8.56
C ARG A 145 15.35 -2.51 8.99
N PRO A 146 15.35 -1.89 10.17
CA PRO A 146 14.19 -1.12 10.60
C PRO A 146 14.07 0.13 9.76
N THR A 147 12.86 0.44 9.32
CA THR A 147 12.61 1.64 8.52
C THR A 147 11.46 2.40 9.17
N PRO A 148 11.75 3.46 9.90
CA PRO A 148 10.72 4.20 10.62
C PRO A 148 9.92 5.09 9.67
N LEU A 149 8.77 5.57 10.17
CA LEU A 149 7.91 6.40 9.34
C LEU A 149 8.57 7.75 9.01
N THR A 150 9.19 8.37 10.02
CA THR A 150 9.90 9.62 9.79
C THR A 150 11.40 9.41 10.02
N HIS A 151 12.22 10.17 9.31
CA HIS A 151 13.65 9.86 9.28
C HIS A 151 14.45 11.13 9.03
N HIS A 152 15.68 10.98 8.54
CA HIS A 152 16.67 12.05 8.53
C HIS A 152 17.11 12.42 7.13
N ASN A 153 16.42 11.93 6.10
CA ASN A 153 16.80 12.16 4.71
C ASN A 153 15.56 12.37 3.86
N THR A 154 14.59 13.09 4.41
CA THR A 154 13.27 13.22 3.79
C THR A 154 13.36 13.81 2.39
N GLY A 155 14.12 14.91 2.23
CA GLY A 155 14.22 15.52 0.92
C GLY A 155 14.86 14.61 -0.11
N LEU A 156 15.90 13.89 0.28
CA LEU A 156 16.58 13.00 -0.67
C LEU A 156 15.67 11.85 -1.07
N SER A 157 14.96 11.25 -0.10
N SER A 157 14.97 11.25 -0.10
CA SER A 157 14.07 10.15 -0.43
CA SER A 157 14.10 10.12 -0.43
C SER A 157 12.92 10.61 -1.31
C SER A 157 12.94 10.56 -1.31
N GLU A 158 12.37 11.80 -1.02
N GLU A 158 12.41 11.77 -1.06
CA GLU A 158 11.29 12.33 -1.84
CA GLU A 158 11.29 12.24 -1.86
C GLU A 158 11.72 12.42 -3.30
C GLU A 158 11.70 12.44 -3.31
N ALA A 159 12.92 12.96 -3.55
CA ALA A 159 13.39 13.13 -4.92
C ALA A 159 13.51 11.79 -5.63
N LEU A 160 14.11 10.80 -4.98
CA LEU A 160 14.24 9.49 -5.61
C LEU A 160 12.88 8.86 -5.85
N GLU A 161 11.91 9.13 -4.98
CA GLU A 161 10.60 8.52 -5.19
C GLU A 161 9.84 9.18 -6.33
N ILE A 162 10.12 10.46 -6.61
CA ILE A 162 9.61 11.05 -7.84
C ILE A 162 10.11 10.27 -9.04
N LEU A 163 11.42 10.00 -9.09
CA LEU A 163 11.97 9.28 -10.23
C LEU A 163 11.42 7.86 -10.30
N ALA A 164 11.21 7.22 -9.14
CA ALA A 164 10.61 5.88 -9.13
C ALA A 164 9.22 5.90 -9.76
N GLU A 165 8.38 6.85 -9.34
CA GLU A 165 7.02 6.96 -9.84
C GLU A 165 7.00 7.23 -11.33
N ALA A 166 7.87 8.14 -11.79
CA ALA A 166 7.96 8.46 -13.20
C ALA A 166 8.43 7.26 -14.00
N ALA A 167 9.37 6.47 -13.45
CA ALA A 167 9.77 5.24 -14.13
C ALA A 167 8.58 4.30 -14.31
N GLY A 168 7.75 4.15 -13.27
CA GLY A 168 6.55 3.34 -13.41
C GLY A 168 5.63 3.85 -14.51
N PHE A 169 5.46 5.17 -14.60
CA PHE A 169 4.60 5.73 -15.65
C PHE A 169 5.11 5.39 -17.04
N GLU A 170 6.41 5.18 -17.19
CA GLU A 170 6.98 4.86 -18.49
C GLU A 170 7.15 3.37 -18.70
N GLY A 171 6.59 2.55 -17.81
CA GLY A 171 6.66 1.12 -17.92
C GLY A 171 8.00 0.51 -17.56
N SER A 172 8.83 1.23 -16.81
CA SER A 172 10.13 0.72 -16.40
C SER A 172 10.03 0.28 -14.95
N GLU A 173 9.51 -0.93 -14.76
CA GLU A 173 9.30 -1.43 -13.39
C GLU A 173 10.61 -1.78 -12.71
N GLY A 174 11.64 -2.14 -13.47
CA GLY A 174 12.94 -2.36 -12.86
C GLY A 174 13.52 -1.09 -12.30
N ARG A 175 13.46 -0.01 -13.08
CA ARG A 175 13.95 1.27 -12.60
C ARG A 175 13.13 1.79 -11.42
N LEU A 176 11.80 1.61 -11.47
CA LEU A 176 10.98 1.98 -10.32
C LEU A 176 11.45 1.27 -9.07
N LEU A 177 11.72 -0.02 -9.18
CA LEU A 177 12.13 -0.83 -8.00
C LEU A 177 13.46 -0.32 -7.45
N THR A 178 14.44 -0.08 -8.31
CA THR A 178 15.74 0.40 -7.84
C THR A 178 15.62 1.74 -7.15
N PHE A 179 14.92 2.70 -7.78
CA PHE A 179 14.77 4.01 -7.14
C PHE A 179 14.02 3.90 -5.81
N CYS A 180 12.99 3.05 -5.76
CA CYS A 180 12.30 2.82 -4.48
C CYS A 180 13.25 2.24 -3.45
N ARG A 181 14.07 1.26 -3.83
CA ARG A 181 15.01 0.68 -2.89
C ARG A 181 16.02 1.72 -2.41
N ALA A 182 16.57 2.49 -3.34
CA ALA A 182 17.52 3.52 -2.95
C ALA A 182 16.89 4.51 -1.99
N ALA A 183 15.66 4.93 -2.28
CA ALA A 183 14.97 5.81 -1.35
C ALA A 183 14.84 5.18 0.02
N SER A 184 14.49 3.90 0.06
N SER A 184 14.48 3.89 0.06
CA SER A 184 14.26 3.23 1.34
CA SER A 184 14.26 3.23 1.34
C SER A 184 15.55 3.08 2.14
C SER A 184 15.55 3.10 2.14
N VAL A 185 16.69 2.93 1.45
CA VAL A 185 17.97 2.87 2.15
C VAL A 185 18.20 4.16 2.92
N LEU A 186 17.89 5.30 2.30
CA LEU A 186 18.07 6.58 2.97
C LEU A 186 17.13 6.71 4.16
N LYS A 187 15.91 6.19 4.03
CA LYS A 187 14.96 6.21 5.15
C LYS A 187 15.50 5.45 6.35
N ALA A 188 16.30 4.41 6.12
CA ALA A 188 16.82 3.56 7.18
C ALA A 188 18.09 4.12 7.83
N LEU A 189 18.68 5.17 7.27
CA LEU A 189 19.94 5.69 7.81
C LEU A 189 19.71 6.37 9.16
N PRO A 190 20.69 6.30 10.06
CA PRO A 190 20.54 6.90 11.39
C PRO A 190 20.76 8.41 11.45
N SER A 191 21.16 9.05 10.35
CA SER A 191 21.40 10.50 10.40
C SER A 191 21.43 11.04 8.98
N PRO A 192 21.47 12.36 8.77
CA PRO A 192 21.39 12.89 7.40
C PRO A 192 22.65 12.60 6.58
N VAL A 193 22.44 12.28 5.31
CA VAL A 193 23.52 12.34 4.33
C VAL A 193 23.82 13.81 4.03
N THR A 194 25.06 14.23 4.31
CA THR A 194 25.50 15.56 3.94
C THR A 194 26.64 15.56 2.92
N THR A 195 27.32 14.43 2.71
CA THR A 195 28.43 14.38 1.76
C THR A 195 28.35 13.10 0.95
N LEU A 196 28.81 13.19 -0.30
CA LEU A 196 28.71 12.06 -1.23
C LEU A 196 29.36 10.79 -0.69
N SER A 197 30.44 10.94 0.08
CA SER A 197 31.18 9.77 0.56
C SER A 197 30.31 8.88 1.44
N GLN A 198 29.29 9.44 2.07
CA GLN A 198 28.39 8.62 2.88
C GLN A 198 27.61 7.62 2.03
N LEU A 199 27.52 7.82 0.71
CA LEU A 199 26.81 6.86 -0.13
C LEU A 199 27.66 5.65 -0.47
N GLN A 200 28.97 5.72 -0.24
N GLN A 200 28.97 5.73 -0.24
CA GLN A 200 29.84 4.59 -0.54
CA GLN A 200 29.85 4.60 -0.52
C GLN A 200 29.48 3.40 0.34
C GLN A 200 29.45 3.40 0.35
N GLY A 201 29.30 2.24 -0.30
CA GLY A 201 28.92 1.04 0.40
C GLY A 201 27.44 0.83 0.56
N LEU A 202 26.62 1.84 0.28
CA LEU A 202 25.17 1.69 0.46
C LEU A 202 24.60 0.87 -0.69
N PRO A 203 23.83 -0.17 -0.40
CA PRO A 203 23.23 -0.96 -1.49
C PRO A 203 22.25 -0.12 -2.30
N HIS A 204 22.19 -0.41 -3.59
CA HIS A 204 21.25 0.17 -4.55
C HIS A 204 21.58 1.60 -4.92
N PHE A 205 22.75 2.11 -4.52
CA PHE A 205 23.21 3.43 -4.94
C PHE A 205 24.28 3.26 -6.01
N GLY A 206 23.87 3.40 -7.27
CA GLY A 206 24.78 3.41 -8.40
C GLY A 206 24.97 4.81 -8.92
N GLU A 207 25.39 4.88 -10.19
CA GLU A 207 25.73 6.17 -10.78
C GLU A 207 24.54 7.12 -10.79
N HIS A 208 23.35 6.61 -11.13
CA HIS A 208 22.22 7.50 -11.36
C HIS A 208 21.68 8.03 -10.04
N SER A 209 21.43 7.14 -9.08
N SER A 209 21.43 7.15 -9.07
CA SER A 209 20.91 7.58 -7.79
CA SER A 209 20.89 7.62 -7.80
C SER A 209 21.91 8.45 -7.05
C SER A 209 21.91 8.45 -7.03
N SER A 210 23.21 8.15 -7.20
CA SER A 210 24.23 8.96 -6.54
C SER A 210 24.30 10.35 -7.15
N ARG A 211 24.12 10.46 -8.47
N ARG A 211 24.13 10.46 -8.47
CA ARG A 211 24.13 11.76 -9.12
CA ARG A 211 24.14 11.78 -9.11
C ARG A 211 23.00 12.64 -8.62
C ARG A 211 22.99 12.64 -8.61
N VAL A 212 21.81 12.05 -8.45
CA VAL A 212 20.65 12.79 -7.94
C VAL A 212 20.94 13.34 -6.56
N VAL A 213 21.46 12.49 -5.66
CA VAL A 213 21.81 12.95 -4.32
C VAL A 213 22.90 14.01 -4.39
N GLN A 214 23.90 13.80 -5.26
CA GLN A 214 24.99 14.77 -5.40
C GLN A 214 24.46 16.16 -5.76
N GLU A 215 23.55 16.23 -6.72
CA GLU A 215 23.02 17.54 -7.12
C GLU A 215 22.20 18.16 -6.01
N LEU A 216 21.41 17.36 -5.29
CA LEU A 216 20.63 17.92 -4.19
C LEU A 216 21.54 18.47 -3.11
N LEU A 217 22.63 17.76 -2.79
CA LEU A 217 23.58 18.26 -1.79
C LEU A 217 24.25 19.54 -2.29
N GLU A 218 24.65 19.56 -3.55
CA GLU A 218 25.43 20.69 -4.07
C GLU A 218 24.56 21.91 -4.36
N HIS A 219 23.32 21.72 -4.83
CA HIS A 219 22.52 22.83 -5.33
C HIS A 219 21.11 22.92 -4.77
N GLY A 220 20.68 21.98 -3.93
CA GLY A 220 19.35 22.04 -3.37
C GLY A 220 18.25 21.54 -4.28
N VAL A 221 18.54 21.32 -5.56
CA VAL A 221 17.60 20.75 -6.51
C VAL A 221 18.35 19.79 -7.41
N CYS A 222 17.60 18.87 -8.01
CA CYS A 222 18.10 17.98 -9.04
C CYS A 222 17.36 18.29 -10.33
N GLU A 223 18.10 18.70 -11.36
CA GLU A 223 17.43 19.20 -12.55
C GLU A 223 16.56 18.12 -13.18
N GLU A 224 17.01 16.86 -13.17
CA GLU A 224 16.18 15.80 -13.75
C GLU A 224 14.86 15.68 -13.00
N VAL A 225 14.92 15.73 -11.67
CA VAL A 225 13.71 15.62 -10.86
C VAL A 225 12.74 16.75 -11.16
N GLU A 226 13.26 17.99 -11.25
CA GLU A 226 12.39 19.13 -11.51
C GLU A 226 11.79 19.05 -12.90
N ARG A 227 12.57 18.55 -13.86
CA ARG A 227 12.05 18.36 -15.22
C ARG A 227 10.88 17.39 -15.21
N VAL A 228 10.98 16.31 -14.43
CA VAL A 228 9.87 15.38 -14.31
C VAL A 228 8.67 16.07 -13.67
N ARG A 229 8.90 16.76 -12.54
CA ARG A 229 7.81 17.42 -11.81
C ARG A 229 6.95 18.30 -12.70
N ARG A 230 7.56 19.11 -13.55
CA ARG A 230 6.78 20.06 -14.33
C ARG A 230 6.33 19.52 -15.67
N SER A 231 6.65 18.27 -16.01
CA SER A 231 6.30 17.74 -17.31
C SER A 231 4.84 17.35 -17.38
N GLU A 232 4.21 17.65 -18.52
CA GLU A 232 2.80 17.34 -18.72
C GLU A 232 2.54 15.84 -18.61
N ARG A 233 3.47 15.04 -19.11
CA ARG A 233 3.32 13.58 -19.04
C ARG A 233 3.23 13.11 -17.59
N TYR A 234 4.16 13.59 -16.75
CA TYR A 234 4.19 13.15 -15.35
C TYR A 234 2.93 13.60 -14.63
N GLN A 235 2.55 14.88 -14.80
CA GLN A 235 1.43 15.42 -14.07
C GLN A 235 0.13 14.72 -14.47
N THR A 236 -0.06 14.45 -15.75
CA THR A 236 -1.28 13.79 -16.21
C THR A 236 -1.32 12.34 -15.78
N MET A 237 -0.19 11.63 -15.89
CA MET A 237 -0.16 10.22 -15.48
C MET A 237 -0.39 10.09 -13.98
N LYS A 238 0.14 11.04 -13.20
CA LYS A 238 -0.13 11.03 -11.76
C LYS A 238 -1.61 11.28 -11.48
N LEU A 239 -2.21 12.25 -12.19
CA LEU A 239 -3.63 12.51 -12.02
C LEU A 239 -4.47 11.27 -12.36
N PHE A 240 -4.20 10.65 -13.50
CA PHE A 240 -5.03 9.54 -13.95
C PHE A 240 -4.83 8.30 -13.06
N THR A 241 -3.57 7.94 -12.78
CA THR A 241 -3.32 6.70 -12.04
C THR A 241 -3.80 6.76 -10.61
N GLN A 242 -4.07 7.95 -10.08
CA GLN A 242 -4.58 8.03 -8.72
C GLN A 242 -6.10 7.85 -8.67
N ILE A 243 -6.77 7.74 -9.81
CA ILE A 243 -8.18 7.43 -9.84
C ILE A 243 -8.38 5.96 -9.51
N PHE A 244 -9.32 5.67 -8.62
CA PHE A 244 -9.72 4.30 -8.32
C PHE A 244 -10.25 3.64 -9.58
N GLY A 245 -9.61 2.53 -9.97
CA GLY A 245 -9.97 1.81 -11.18
C GLY A 245 -9.10 2.09 -12.38
N VAL A 246 -8.06 2.92 -12.23
CA VAL A 246 -7.18 3.30 -13.33
C VAL A 246 -5.77 2.91 -12.97
N GLY A 247 -5.15 2.07 -13.79
CA GLY A 247 -3.74 1.74 -13.65
C GLY A 247 -2.90 2.46 -14.71
N VAL A 248 -1.60 2.16 -14.68
CA VAL A 248 -0.66 2.78 -15.62
C VAL A 248 -1.09 2.56 -17.07
N LYS A 249 -1.48 1.32 -17.40
CA LYS A 249 -1.80 1.02 -18.79
C LYS A 249 -3.00 1.85 -19.28
N THR A 250 -4.05 1.94 -18.46
CA THR A 250 -5.20 2.76 -18.84
C THR A 250 -4.83 4.24 -18.90
N ALA A 251 -4.11 4.72 -17.89
CA ALA A 251 -3.66 6.12 -17.89
C ALA A 251 -2.85 6.43 -19.15
N ASP A 252 -1.94 5.53 -19.51
CA ASP A 252 -1.08 5.76 -20.67
C ASP A 252 -1.90 5.79 -21.96
N ARG A 253 -2.87 4.86 -22.08
CA ARG A 253 -3.73 4.86 -23.27
C ARG A 253 -4.51 6.17 -23.37
N TRP A 254 -5.14 6.60 -22.27
CA TRP A 254 -5.85 7.87 -22.28
C TRP A 254 -4.92 9.02 -22.64
N TYR A 255 -3.70 9.02 -22.10
CA TYR A 255 -2.75 10.09 -22.45
C TYR A 255 -2.43 10.07 -23.93
N ARG A 256 -2.20 8.87 -24.50
CA ARG A 256 -1.88 8.77 -25.92
C ARG A 256 -3.08 9.16 -26.78
N GLU A 257 -4.30 8.99 -26.27
CA GLU A 257 -5.50 9.44 -26.95
C GLU A 257 -5.73 10.94 -26.84
N GLY A 258 -4.86 11.66 -26.14
CA GLY A 258 -4.97 13.09 -26.00
C GLY A 258 -5.71 13.58 -24.77
N LEU A 259 -6.24 12.68 -23.94
CA LEU A 259 -6.97 13.10 -22.75
C LEU A 259 -6.01 13.65 -21.71
N ARG A 260 -6.49 14.65 -20.96
CA ARG A 260 -5.61 15.34 -20.01
C ARG A 260 -6.25 15.68 -18.67
N THR A 261 -7.57 15.81 -18.58
CA THR A 261 -8.22 16.25 -17.36
C THR A 261 -9.27 15.24 -16.92
N LEU A 262 -9.69 15.35 -15.65
CA LEU A 262 -10.81 14.53 -15.21
C LEU A 262 -12.08 14.84 -16.01
N ASP A 263 -12.26 16.09 -16.42
CA ASP A 263 -13.45 16.42 -17.21
C ASP A 263 -13.41 15.73 -18.56
N ASP A 264 -12.23 15.61 -19.19
CA ASP A 264 -12.13 14.85 -20.43
C ASP A 264 -12.63 13.42 -20.23
N LEU A 265 -12.29 12.81 -19.09
CA LEU A 265 -12.76 11.47 -18.80
C LEU A 265 -14.27 11.44 -18.62
N ARG A 266 -14.81 12.42 -17.89
CA ARG A 266 -16.24 12.47 -17.62
C ARG A 266 -17.06 12.72 -18.88
N GLU A 267 -16.47 13.32 -19.91
CA GLU A 267 -17.22 13.61 -21.14
C GLU A 267 -17.54 12.36 -21.93
N GLN A 268 -16.91 11.22 -21.64
CA GLN A 268 -17.22 9.96 -22.32
C GLN A 268 -17.48 8.87 -21.27
N PRO A 269 -18.59 9.00 -20.53
CA PRO A 269 -18.86 8.01 -19.47
C PRO A 269 -19.09 6.61 -20.00
N GLN A 270 -19.49 6.47 -21.27
CA GLN A 270 -19.72 5.15 -21.85
C GLN A 270 -18.45 4.32 -21.92
N LYS A 271 -17.28 4.94 -21.85
CA LYS A 271 -16.01 4.23 -21.94
C LYS A 271 -15.43 3.89 -20.56
N LEU A 272 -16.12 4.22 -19.47
CA LEU A 272 -15.61 3.99 -18.13
C LEU A 272 -16.24 2.73 -17.53
N THR A 273 -15.43 1.94 -16.84
CA THR A 273 -15.95 0.85 -16.04
C THR A 273 -16.73 1.41 -14.85
N GLN A 274 -17.54 0.55 -14.22
CA GLN A 274 -18.28 0.99 -13.05
C GLN A 274 -17.33 1.42 -11.94
N GLN A 275 -16.22 0.71 -11.79
CA GLN A 275 -15.21 1.07 -10.81
C GLN A 275 -14.64 2.46 -11.10
N GLN A 276 -14.30 2.72 -12.36
CA GLN A 276 -13.77 4.03 -12.73
C GLN A 276 -14.81 5.13 -12.56
N LYS A 277 -16.09 4.81 -12.86
CA LYS A 277 -17.15 5.78 -12.61
C LYS A 277 -17.22 6.14 -11.13
N ALA A 278 -17.10 5.13 -10.25
CA ALA A 278 -17.10 5.41 -8.81
C ALA A 278 -15.88 6.21 -8.42
N GLY A 279 -14.70 5.88 -8.96
CA GLY A 279 -13.51 6.63 -8.63
C GLY A 279 -13.59 8.08 -9.07
N LEU A 280 -14.20 8.34 -10.23
CA LEU A 280 -14.37 9.71 -10.68
C LEU A 280 -15.44 10.45 -9.89
N GLN A 281 -16.56 9.78 -9.63
CA GLN A 281 -17.64 10.37 -8.85
C GLN A 281 -17.15 10.88 -7.50
N HIS A 282 -16.25 10.13 -6.86
CA HIS A 282 -15.82 10.46 -5.51
C HIS A 282 -14.39 10.98 -5.49
N HIS A 283 -13.88 11.46 -6.63
CA HIS A 283 -12.45 11.73 -6.72
C HIS A 283 -11.99 12.77 -5.70
N GLN A 284 -12.78 13.84 -5.51
CA GLN A 284 -12.33 14.90 -4.62
C GLN A 284 -12.17 14.36 -3.19
N ASP A 285 -13.18 13.61 -2.72
CA ASP A 285 -13.09 13.04 -1.38
C ASP A 285 -11.96 12.01 -1.30
N LEU A 286 -11.82 11.19 -2.32
CA LEU A 286 -10.78 10.17 -2.27
C LEU A 286 -9.40 10.77 -2.35
N SER A 287 -9.27 12.00 -2.84
N SER A 287 -9.27 12.00 -2.83
CA SER A 287 -8.00 12.71 -2.86
CA SER A 287 -8.00 12.70 -2.85
C SER A 287 -7.68 13.38 -1.52
C SER A 287 -7.71 13.43 -1.55
N THR A 288 -8.65 13.46 -0.63
CA THR A 288 -8.48 14.11 0.66
C THR A 288 -7.84 13.11 1.63
N PRO A 289 -6.76 13.47 2.32
CA PRO A 289 -6.12 12.47 3.21
C PRO A 289 -7.09 11.94 4.27
N VAL A 290 -7.07 10.62 4.45
CA VAL A 290 -7.82 10.00 5.54
C VAL A 290 -7.04 10.22 6.82
N LEU A 291 -7.72 10.67 7.87
CA LEU A 291 -7.07 11.01 9.13
C LEU A 291 -7.33 9.95 10.19
N ARG A 292 -6.53 9.98 11.26
CA ARG A 292 -6.71 9.01 12.34
C ARG A 292 -8.11 9.06 12.92
N SER A 293 -8.70 10.27 13.03
CA SER A 293 -10.05 10.33 13.55
C SER A 293 -11.04 9.62 12.63
N ASP A 294 -10.82 9.71 11.31
CA ASP A 294 -11.66 8.94 10.38
C ASP A 294 -11.48 7.46 10.61
N VAL A 295 -10.21 7.03 10.78
CA VAL A 295 -9.93 5.63 11.02
C VAL A 295 -10.70 5.13 12.24
N ASP A 296 -10.63 5.89 13.33
CA ASP A 296 -11.29 5.46 14.57
C ASP A 296 -12.79 5.34 14.37
N ALA A 297 -13.39 6.29 13.63
CA ALA A 297 -14.83 6.24 13.38
C ALA A 297 -15.20 5.04 12.52
N LEU A 298 -14.42 4.80 11.47
CA LEU A 298 -14.69 3.67 10.58
C LEU A 298 -14.46 2.35 11.29
N GLN A 299 -13.44 2.28 12.15
CA GLN A 299 -13.22 1.04 12.88
C GLN A 299 -14.43 0.71 13.75
N GLN A 300 -15.04 1.72 14.35
CA GLN A 300 -16.20 1.46 15.17
C GLN A 300 -17.36 0.91 14.33
N VAL A 301 -17.63 1.53 13.18
CA VAL A 301 -18.76 1.04 12.40
C VAL A 301 -18.48 -0.34 11.82
N VAL A 302 -17.22 -0.64 11.45
CA VAL A 302 -16.90 -1.97 10.92
C VAL A 302 -16.97 -3.01 12.04
N GLU A 303 -16.42 -2.67 13.21
CA GLU A 303 -16.54 -3.56 14.36
C GLU A 303 -17.99 -3.85 14.71
N GLU A 304 -18.84 -2.82 14.66
CA GLU A 304 -20.25 -3.03 14.97
C GLU A 304 -20.90 -3.96 13.95
N ALA A 305 -20.62 -3.74 12.67
CA ALA A 305 -21.26 -4.55 11.63
C ALA A 305 -20.73 -5.98 11.65
N VAL A 306 -19.42 -6.15 11.84
CA VAL A 306 -18.86 -7.50 11.92
C VAL A 306 -19.41 -8.24 13.14
N GLY A 307 -19.52 -7.55 14.27
CA GLY A 307 -20.07 -8.20 15.45
C GLY A 307 -21.53 -8.55 15.27
N GLN A 308 -22.26 -7.76 14.49
CA GLN A 308 -23.65 -8.10 14.19
C GLN A 308 -23.74 -9.28 13.24
N ALA A 309 -22.76 -9.46 12.38
CA ALA A 309 -22.79 -10.51 11.36
C ALA A 309 -22.27 -11.85 11.85
N LEU A 310 -21.37 -11.85 12.84
CA LEU A 310 -20.77 -13.10 13.25
C LEU A 310 -20.27 -13.00 14.68
N PRO A 311 -20.98 -13.59 15.63
CA PRO A 311 -20.52 -13.60 17.02
C PRO A 311 -19.11 -14.16 17.12
N GLY A 312 -18.24 -13.43 17.81
CA GLY A 312 -16.89 -13.86 18.05
C GLY A 312 -15.90 -13.42 17.01
N ALA A 313 -16.35 -12.77 15.94
CA ALA A 313 -15.42 -12.30 14.92
C ALA A 313 -14.60 -11.12 15.46
N THR A 314 -13.37 -10.99 14.96
CA THR A 314 -12.49 -9.90 15.37
C THR A 314 -12.13 -9.05 14.16
N VAL A 315 -11.81 -7.80 14.43
CA VAL A 315 -11.43 -6.83 13.40
C VAL A 315 -10.07 -6.26 13.78
N THR A 316 -9.12 -6.31 12.86
CA THR A 316 -7.77 -5.78 13.11
C THR A 316 -7.47 -4.72 12.07
N LEU A 317 -7.10 -3.53 12.53
CA LEU A 317 -6.62 -2.49 11.62
C LEU A 317 -5.28 -2.91 11.01
N THR A 318 -5.19 -2.87 9.69
N THR A 318 -5.20 -2.86 9.68
CA THR A 318 -3.93 -3.20 9.03
CA THR A 318 -3.97 -3.23 9.00
C THR A 318 -3.54 -2.07 8.09
C THR A 318 -3.52 -2.08 8.10
N GLY A 319 -2.78 -2.36 7.03
CA GLY A 319 -2.30 -1.30 6.15
C GLY A 319 -1.47 -0.21 6.83
N GLY A 320 -1.46 0.96 6.19
CA GLY A 320 -0.54 2.00 6.61
C GLY A 320 -0.79 2.51 8.02
N PHE A 321 -2.05 2.49 8.46
CA PHE A 321 -2.32 3.02 9.78
C PHE A 321 -1.77 2.11 10.86
N ARG A 322 -1.69 0.80 10.59
CA ARG A 322 -1.04 -0.09 11.54
C ARG A 322 0.44 0.21 11.65
N ARG A 323 1.05 0.73 10.57
CA ARG A 323 2.47 1.09 10.61
C ARG A 323 2.70 2.43 11.25
N GLY A 324 1.65 3.07 11.76
CA GLY A 324 1.81 4.32 12.49
C GLY A 324 1.55 5.56 11.68
N LYS A 325 1.13 5.42 10.41
CA LYS A 325 0.86 6.60 9.59
C LYS A 325 -0.24 7.44 10.23
N LEU A 326 -0.11 8.76 10.11
CA LEU A 326 -1.15 9.63 10.64
C LEU A 326 -2.18 9.98 9.58
N GLN A 327 -1.89 9.71 8.32
N GLN A 327 -1.89 9.71 8.32
CA GLN A 327 -2.76 9.99 7.20
CA GLN A 327 -2.80 9.96 7.22
C GLN A 327 -2.58 8.87 6.18
C GLN A 327 -2.59 8.87 6.18
N GLY A 328 -3.60 8.68 5.34
CA GLY A 328 -3.50 7.62 4.36
C GLY A 328 -4.53 7.80 3.28
N HIS A 329 -4.54 6.86 2.33
N HIS A 329 -4.54 6.86 2.33
CA HIS A 329 -5.46 6.93 1.17
CA HIS A 329 -5.49 6.94 1.18
C HIS A 329 -6.74 6.12 1.43
C HIS A 329 -6.77 6.15 1.47
N ASP A 330 -6.67 5.16 2.35
CA ASP A 330 -7.84 4.32 2.65
C ASP A 330 -7.65 3.77 4.07
N VAL A 331 -8.58 2.90 4.48
CA VAL A 331 -8.45 2.17 5.73
C VAL A 331 -8.60 0.69 5.40
N ASP A 332 -7.69 -0.13 5.91
CA ASP A 332 -7.65 -1.57 5.62
C ASP A 332 -7.95 -2.33 6.90
N PHE A 333 -8.91 -3.27 6.83
CA PHE A 333 -9.28 -4.07 7.99
C PHE A 333 -9.19 -5.55 7.67
N LEU A 334 -8.61 -6.31 8.58
CA LEU A 334 -8.49 -7.76 8.48
C LEU A 334 -9.40 -8.42 9.52
N ILE A 335 -10.24 -9.34 9.07
CA ILE A 335 -11.30 -9.93 9.89
C ILE A 335 -11.05 -11.44 10.00
N THR A 336 -11.23 -11.98 11.21
CA THR A 336 -11.15 -13.42 11.36
C THR A 336 -12.10 -13.88 12.49
N HIS A 337 -12.05 -15.18 12.78
CA HIS A 337 -12.82 -15.80 13.84
C HIS A 337 -11.95 -16.90 14.45
N PRO A 338 -11.99 -17.06 15.77
CA PRO A 338 -11.07 -18.04 16.41
C PRO A 338 -11.36 -19.49 16.05
N LYS A 339 -12.56 -19.82 15.54
CA LYS A 339 -12.89 -21.17 15.15
C LYS A 339 -12.77 -21.30 13.64
N GLU A 340 -11.75 -22.03 13.19
CA GLU A 340 -11.48 -22.22 11.77
C GLU A 340 -12.74 -22.62 11.03
N GLY A 341 -13.03 -21.92 9.94
CA GLY A 341 -14.17 -22.18 9.10
C GLY A 341 -15.37 -21.32 9.39
N GLN A 342 -15.47 -20.82 10.62
CA GLN A 342 -16.65 -20.01 10.96
C GLN A 342 -16.64 -18.66 10.25
N GLU A 343 -15.49 -18.21 9.76
CA GLU A 343 -15.38 -16.95 9.04
C GLU A 343 -15.90 -17.05 7.61
N ALA A 344 -16.21 -18.25 7.11
CA ALA A 344 -16.70 -18.41 5.75
C ALA A 344 -18.05 -17.71 5.59
N GLY A 345 -18.25 -17.07 4.43
CA GLY A 345 -19.55 -16.48 4.15
C GLY A 345 -19.88 -15.23 4.94
N LEU A 346 -18.85 -14.52 5.39
CA LEU A 346 -19.08 -13.38 6.31
C LEU A 346 -19.39 -12.05 5.62
N LEU A 347 -18.66 -11.70 4.55
CA LEU A 347 -18.81 -10.35 3.97
C LEU A 347 -20.23 -10.03 3.47
N PRO A 348 -20.99 -10.94 2.82
CA PRO A 348 -22.33 -10.59 2.38
C PRO A 348 -23.17 -10.14 3.57
N ARG A 349 -23.01 -10.80 4.72
CA ARG A 349 -23.74 -10.41 5.92
C ARG A 349 -23.26 -9.05 6.43
N VAL A 350 -21.94 -8.84 6.41
CA VAL A 350 -21.41 -7.56 6.84
C VAL A 350 -21.91 -6.45 5.92
N MET A 351 -21.82 -6.67 4.61
CA MET A 351 -22.14 -5.61 3.65
C MET A 351 -23.62 -5.25 3.70
N CYS A 352 -24.49 -6.26 3.85
N CYS A 352 -24.50 -6.25 3.88
CA CYS A 352 -25.92 -5.98 3.96
CA CYS A 352 -25.92 -5.95 3.92
C CYS A 352 -26.22 -5.09 5.15
C CYS A 352 -26.26 -5.11 5.16
N ARG A 353 -25.58 -5.36 6.28
CA ARG A 353 -25.82 -4.55 7.47
C ARG A 353 -25.25 -3.15 7.31
N LEU A 354 -24.13 -3.02 6.60
CA LEU A 354 -23.63 -1.67 6.30
C LEU A 354 -24.53 -0.95 5.30
N GLN A 355 -25.00 -1.66 4.26
CA GLN A 355 -25.86 -1.05 3.26
C GLN A 355 -27.20 -0.59 3.84
N ASP A 356 -27.73 -1.31 4.84
CA ASP A 356 -28.99 -0.91 5.43
C ASP A 356 -28.83 0.34 6.29
N GLN A 357 -27.62 0.67 6.71
CA GLN A 357 -27.36 1.95 7.34
C GLN A 357 -27.04 3.03 6.32
N GLY A 358 -27.08 2.72 5.03
CA GLY A 358 -26.82 3.71 4.01
C GLY A 358 -25.37 4.13 3.92
N LEU A 359 -24.46 3.29 4.41
CA LEU A 359 -23.05 3.66 4.53
C LEU A 359 -22.21 3.28 3.33
N ILE A 360 -22.75 2.53 2.39
CA ILE A 360 -21.95 1.97 1.32
C ILE A 360 -22.28 2.70 0.02
N LEU A 361 -21.30 3.45 -0.49
CA LEU A 361 -21.45 4.10 -1.79
C LEU A 361 -21.01 3.22 -2.95
N TYR A 362 -20.08 2.29 -2.71
CA TYR A 362 -19.57 1.39 -3.73
C TYR A 362 -19.02 0.18 -3.01
N HIS A 363 -19.24 -1.00 -3.59
N HIS A 363 -19.16 -0.99 -3.64
CA HIS A 363 -18.51 -2.14 -3.06
CA HIS A 363 -18.71 -2.25 -3.03
C HIS A 363 -18.31 -3.15 -4.18
C HIS A 363 -18.38 -3.25 -4.14
N GLN A 364 -17.16 -3.80 -4.14
CA GLN A 364 -16.79 -4.85 -5.08
C GLN A 364 -16.33 -6.03 -4.25
N HIS A 365 -17.05 -7.14 -4.36
CA HIS A 365 -16.84 -8.33 -3.55
C HIS A 365 -16.05 -9.36 -4.35
N GLN A 366 -15.04 -9.97 -3.71
CA GLN A 366 -14.33 -11.11 -4.29
C GLN A 366 -14.49 -12.31 -3.37
N HIS A 367 -14.99 -13.42 -3.92
CA HIS A 367 -15.24 -14.64 -3.16
C HIS A 367 -13.94 -15.36 -2.84
N SER A 368 -13.99 -16.20 -1.80
CA SER A 368 -12.80 -16.95 -1.39
C SER A 368 -12.60 -18.19 -2.29
N MET A 382 -6.27 -22.84 1.56
CA MET A 382 -6.96 -21.69 0.99
C MET A 382 -5.96 -20.74 0.33
N ASP A 383 -6.26 -20.32 -0.91
CA ASP A 383 -5.37 -19.43 -1.63
C ASP A 383 -6.06 -18.17 -2.15
N ALA A 384 -7.28 -17.88 -1.70
CA ALA A 384 -7.88 -16.57 -1.93
C ALA A 384 -8.80 -16.23 -0.78
N PHE A 385 -8.58 -15.08 -0.16
CA PHE A 385 -9.42 -14.61 0.91
C PHE A 385 -10.67 -13.94 0.35
N GLU A 386 -11.78 -14.06 1.07
CA GLU A 386 -12.92 -13.20 0.77
C GLU A 386 -12.51 -11.75 1.00
N ARG A 387 -12.71 -10.90 -0.01
N ARG A 387 -12.71 -10.91 0.00
CA ARG A 387 -12.33 -9.47 0.13
CA ARG A 387 -12.31 -9.48 0.10
C ARG A 387 -13.43 -8.57 -0.44
C ARG A 387 -13.40 -8.58 -0.49
N SER A 388 -13.49 -7.33 0.04
N SER A 388 -13.53 -7.39 0.08
CA SER A 388 -14.48 -6.35 -0.41
CA SER A 388 -14.43 -6.36 -0.44
C SER A 388 -13.80 -4.98 -0.45
C SER A 388 -13.69 -5.04 -0.49
N PHE A 389 -13.72 -4.39 -1.65
CA PHE A 389 -13.14 -3.07 -1.82
C PHE A 389 -14.31 -2.11 -1.86
N CYS A 390 -14.36 -1.20 -0.89
CA CYS A 390 -15.56 -0.40 -0.65
C CYS A 390 -15.26 1.08 -0.71
N ILE A 391 -16.32 1.86 -0.92
CA ILE A 391 -16.28 3.29 -0.63
C ILE A 391 -17.38 3.53 0.38
N PHE A 392 -17.00 3.99 1.57
CA PHE A 392 -17.94 4.27 2.64
C PHE A 392 -18.35 5.72 2.62
N ARG A 393 -19.59 5.97 3.03
CA ARG A 393 -20.05 7.31 3.33
C ARG A 393 -19.78 7.57 4.81
N LEU A 394 -18.82 8.44 5.10
CA LEU A 394 -18.44 8.72 6.48
C LEU A 394 -19.07 10.01 6.97
N PRO A 395 -19.89 9.98 8.01
CA PRO A 395 -20.48 11.22 8.51
C PRO A 395 -19.41 12.19 9.01
N GLN A 396 -19.65 13.46 8.77
CA GLN A 396 -18.83 14.57 9.26
C GLN A 396 -19.78 15.62 9.82
N PRO A 397 -19.26 16.59 10.58
CA PRO A 397 -20.15 17.66 11.09
C PRO A 397 -20.94 18.32 9.97
N GLY A 398 -22.26 18.11 9.98
CA GLY A 398 -23.16 18.73 9.02
C GLY A 398 -23.07 18.18 7.60
N SER A 399 -22.28 17.14 7.35
N SER A 399 -22.24 17.18 7.32
CA SER A 399 -22.09 16.67 5.99
CA SER A 399 -22.24 16.55 6.01
C SER A 399 -21.54 15.24 6.03
C SER A 399 -21.51 15.20 6.06
N TRP A 400 -20.74 14.89 5.03
CA TRP A 400 -20.11 13.57 4.97
C TRP A 400 -19.02 13.59 3.91
N LYS A 401 -18.15 12.57 3.94
CA LYS A 401 -17.18 12.39 2.87
C LYS A 401 -17.02 10.91 2.57
N ALA A 402 -16.73 10.62 1.31
CA ALA A 402 -16.44 9.27 0.86
C ALA A 402 -15.02 8.86 1.28
N VAL A 403 -14.88 7.63 1.76
CA VAL A 403 -13.61 7.06 2.20
C VAL A 403 -13.48 5.63 1.67
N ARG A 404 -12.36 5.34 1.00
CA ARG A 404 -12.08 3.97 0.59
C ARG A 404 -11.78 3.10 1.81
N VAL A 405 -12.41 1.91 1.87
CA VAL A 405 -12.22 0.94 2.94
C VAL A 405 -12.06 -0.42 2.29
N ASP A 406 -11.01 -1.15 2.69
CA ASP A 406 -10.81 -2.52 2.24
C ASP A 406 -11.06 -3.47 3.40
N LEU A 407 -11.84 -4.52 3.13
CA LEU A 407 -12.14 -5.56 4.09
C LEU A 407 -11.60 -6.88 3.57
N VAL A 408 -10.87 -7.59 4.43
CA VAL A 408 -10.35 -8.92 4.03
C VAL A 408 -10.63 -9.88 5.19
N VAL A 409 -11.13 -11.06 4.84
CA VAL A 409 -11.45 -12.10 5.81
C VAL A 409 -10.48 -13.26 5.62
N ALA A 410 -9.81 -13.66 6.69
CA ALA A 410 -8.91 -14.79 6.66
C ALA A 410 -9.31 -15.83 7.69
N PRO A 411 -9.17 -17.13 7.38
CA PRO A 411 -9.27 -18.13 8.45
C PRO A 411 -8.14 -17.94 9.44
N VAL A 412 -8.40 -18.28 10.70
CA VAL A 412 -7.44 -17.91 11.74
C VAL A 412 -6.11 -18.62 11.52
N SER A 413 -6.12 -19.80 10.89
CA SER A 413 -4.87 -20.50 10.59
C SER A 413 -3.94 -19.68 9.71
N GLN A 414 -4.49 -18.82 8.85
CA GLN A 414 -3.68 -17.99 7.95
C GLN A 414 -3.59 -16.54 8.41
N PHE A 415 -4.23 -16.18 9.53
CA PHE A 415 -4.24 -14.79 9.96
C PHE A 415 -2.84 -14.17 10.04
N PRO A 416 -1.81 -14.82 10.60
CA PRO A 416 -0.50 -14.14 10.66
C PRO A 416 0.05 -13.80 9.30
N PHE A 417 -0.21 -14.65 8.29
CA PHE A 417 0.29 -14.36 6.96
C PHE A 417 -0.50 -13.22 6.32
N ALA A 418 -1.81 -13.21 6.54
CA ALA A 418 -2.66 -12.13 6.03
C ALA A 418 -2.27 -10.80 6.65
N LEU A 419 -2.06 -10.81 7.97
CA LEU A 419 -1.71 -9.58 8.67
C LEU A 419 -0.36 -9.06 8.20
N LEU A 420 0.62 -9.96 8.06
CA LEU A 420 1.93 -9.57 7.56
C LEU A 420 1.83 -8.98 6.16
N GLY A 421 1.07 -9.65 5.28
CA GLY A 421 0.95 -9.15 3.92
C GLY A 421 0.20 -7.84 3.83
N TRP A 422 -0.91 -7.71 4.57
CA TRP A 422 -1.72 -6.51 4.44
C TRP A 422 -1.19 -5.33 5.24
N THR A 423 -0.20 -5.56 6.11
CA THR A 423 0.38 -4.45 6.86
C THR A 423 1.41 -3.69 6.03
N GLY A 424 2.03 -4.35 5.05
CA GLY A 424 2.95 -3.60 4.22
C GLY A 424 4.22 -3.18 4.97
N SER A 425 4.88 -2.12 4.48
CA SER A 425 4.56 -1.42 3.24
C SER A 425 4.67 -2.29 2.00
N LYS A 426 4.19 -1.78 0.86
CA LYS A 426 4.32 -2.55 -0.38
C LYS A 426 5.77 -2.92 -0.66
N LEU A 427 6.69 -1.97 -0.51
CA LEU A 427 8.09 -2.30 -0.75
C LEU A 427 8.63 -3.28 0.29
N PHE A 428 8.26 -3.09 1.56
CA PHE A 428 8.67 -4.05 2.58
C PHE A 428 8.24 -5.46 2.21
N GLN A 429 6.97 -5.59 1.80
N GLN A 429 7.00 -5.61 1.76
CA GLN A 429 6.42 -6.89 1.39
CA GLN A 429 6.54 -6.97 1.48
C GLN A 429 7.21 -7.49 0.25
C GLN A 429 7.17 -7.54 0.21
N ARG A 430 7.43 -6.70 -0.80
CA ARG A 430 8.22 -7.18 -1.94
C ARG A 430 9.60 -7.65 -1.50
N GLU A 431 10.28 -6.83 -0.69
CA GLU A 431 11.61 -7.16 -0.23
C GLU A 431 11.61 -8.42 0.62
N LEU A 432 10.63 -8.55 1.53
CA LEU A 432 10.53 -9.74 2.38
C LEU A 432 10.31 -10.99 1.54
N ARG A 433 9.43 -10.90 0.53
CA ARG A 433 9.14 -12.07 -0.28
C ARG A 433 10.32 -12.43 -1.18
N ARG A 434 11.01 -11.42 -1.68
CA ARG A 434 12.24 -11.66 -2.43
C ARG A 434 13.28 -12.35 -1.57
N PHE A 435 13.46 -11.86 -0.33
CA PHE A 435 14.42 -12.46 0.59
C PHE A 435 14.07 -13.91 0.86
N SER A 436 12.80 -14.18 1.18
CA SER A 436 12.36 -15.54 1.47
C SER A 436 12.74 -16.49 0.35
N ARG A 437 12.44 -16.11 -0.89
CA ARG A 437 12.65 -17.02 -2.01
C ARG A 437 14.13 -17.12 -2.37
N LYS A 438 14.81 -15.99 -2.48
N LYS A 438 14.81 -15.98 -2.49
CA LYS A 438 16.18 -15.99 -2.99
CA LYS A 438 16.18 -15.97 -2.97
C LYS A 438 17.20 -16.37 -1.92
C LYS A 438 17.16 -16.41 -1.90
N GLU A 439 17.01 -15.92 -0.67
CA GLU A 439 17.97 -16.24 0.38
C GLU A 439 17.61 -17.52 1.15
N LYS A 440 16.33 -17.82 1.35
CA LYS A 440 15.94 -18.96 2.19
C LYS A 440 15.29 -20.09 1.42
N GLY A 441 15.01 -19.90 0.13
CA GLY A 441 14.40 -20.94 -0.67
C GLY A 441 12.98 -21.28 -0.26
N LEU A 442 12.30 -20.35 0.39
CA LEU A 442 10.91 -20.52 0.82
C LEU A 442 10.02 -19.50 0.13
N TRP A 443 8.78 -19.91 -0.16
CA TRP A 443 7.87 -19.09 -0.96
C TRP A 443 6.83 -18.47 -0.03
N LEU A 444 6.85 -17.14 0.08
CA LEU A 444 5.97 -16.41 1.01
C LEU A 444 4.90 -15.67 0.24
N ASN A 445 3.66 -15.78 0.68
CA ASN A 445 2.60 -14.90 0.18
C ASN A 445 1.66 -14.58 1.33
N SER A 446 0.51 -13.99 1.02
CA SER A 446 -0.37 -13.57 2.11
C SER A 446 -1.13 -14.73 2.73
N HIS A 447 -0.93 -15.96 2.25
CA HIS A 447 -1.60 -17.13 2.79
C HIS A 447 -0.70 -18.07 3.55
N GLY A 448 0.61 -17.99 3.36
CA GLY A 448 1.47 -18.96 3.98
C GLY A 448 2.90 -18.86 3.49
N LEU A 449 3.68 -19.81 3.98
CA LEU A 449 5.12 -19.88 3.73
C LEU A 449 5.45 -21.32 3.36
N PHE A 450 5.82 -21.55 2.10
CA PHE A 450 5.88 -22.89 1.53
C PHE A 450 7.33 -23.31 1.34
N ASP A 451 7.65 -24.53 1.80
CA ASP A 451 8.94 -25.16 1.57
C ASP A 451 8.77 -26.05 0.35
N PRO A 452 9.34 -25.70 -0.81
CA PRO A 452 9.09 -26.49 -2.02
C PRO A 452 9.89 -27.77 -2.09
N GLU A 453 10.88 -27.93 -1.23
CA GLU A 453 11.58 -29.21 -1.13
C GLU A 453 10.74 -30.22 -0.37
N GLN A 454 10.40 -29.90 0.89
CA GLN A 454 9.56 -30.76 1.70
C GLN A 454 8.10 -30.76 1.27
N LYS A 455 7.69 -29.80 0.43
CA LYS A 455 6.29 -29.66 0.01
C LYS A 455 5.37 -29.49 1.21
N THR A 456 5.75 -28.59 2.12
CA THR A 456 4.98 -28.33 3.33
C THR A 456 4.85 -26.83 3.59
N PHE A 457 3.74 -26.45 4.22
CA PHE A 457 3.51 -25.09 4.68
C PHE A 457 3.88 -24.95 6.15
N PHE A 458 4.47 -23.82 6.50
CA PHE A 458 4.84 -23.52 7.87
C PHE A 458 3.62 -22.99 8.60
N GLN A 459 3.23 -23.67 9.67
CA GLN A 459 2.15 -23.18 10.50
C GLN A 459 2.70 -22.09 11.41
N ALA A 460 2.19 -20.88 11.27
CA ALA A 460 2.63 -19.75 12.06
C ALA A 460 1.48 -19.34 12.97
N ALA A 461 1.82 -19.00 14.22
CA ALA A 461 0.83 -18.51 15.15
C ALA A 461 0.91 -17.01 15.36
N SER A 462 1.88 -16.34 14.74
CA SER A 462 2.14 -14.94 14.97
C SER A 462 3.07 -14.46 13.87
N GLU A 463 3.09 -13.14 13.67
CA GLU A 463 4.11 -12.57 12.81
C GLU A 463 5.51 -12.90 13.33
N GLU A 464 5.68 -12.89 14.67
CA GLU A 464 6.98 -13.24 15.24
C GLU A 464 7.45 -14.61 14.77
N ASP A 465 6.52 -15.58 14.66
CA ASP A 465 6.85 -16.90 14.12
C ASP A 465 7.41 -16.79 12.72
N ILE A 466 6.80 -15.96 11.88
CA ILE A 466 7.20 -15.89 10.48
C ILE A 466 8.60 -15.31 10.37
N PHE A 467 8.86 -14.22 11.08
CA PHE A 467 10.19 -13.65 11.07
C PHE A 467 11.22 -14.68 11.54
N ARG A 468 10.89 -15.44 12.60
CA ARG A 468 11.84 -16.42 13.09
C ARG A 468 12.13 -17.49 12.05
N HIS A 469 11.09 -17.99 11.38
CA HIS A 469 11.27 -19.03 10.39
C HIS A 469 12.12 -18.57 9.22
N LEU A 470 12.13 -17.27 8.93
CA LEU A 470 12.95 -16.68 7.87
C LEU A 470 14.33 -16.26 8.35
N GLY A 471 14.65 -16.48 9.62
CA GLY A 471 15.95 -16.05 10.15
C GLY A 471 16.15 -14.56 10.19
N LEU A 472 15.07 -13.80 10.36
CA LEU A 472 15.12 -12.34 10.39
C LEU A 472 14.78 -11.83 11.78
N GLU A 473 15.47 -10.78 12.22
CA GLU A 473 15.07 -10.13 13.46
C GLU A 473 13.69 -9.55 13.28
N TYR A 474 12.86 -9.66 14.32
CA TYR A 474 11.50 -9.15 14.23
C TYR A 474 11.48 -7.63 14.05
N LEU A 475 10.61 -7.17 13.17
CA LEU A 475 10.35 -5.76 12.96
C LEU A 475 8.90 -5.48 13.31
N PRO A 476 8.60 -4.63 14.29
CA PRO A 476 7.20 -4.24 14.50
C PRO A 476 6.69 -3.44 13.32
N PRO A 477 5.37 -3.31 13.17
CA PRO A 477 4.82 -2.63 11.97
C PRO A 477 5.39 -1.23 11.74
N GLU A 478 5.64 -0.50 12.83
CA GLU A 478 6.18 0.86 12.72
C GLU A 478 7.55 0.91 12.10
N GLN A 479 8.26 -0.22 12.04
CA GLN A 479 9.58 -0.25 11.39
C GLN A 479 9.52 -0.95 10.04
N ARG A 480 8.32 -1.10 9.46
CA ARG A 480 8.17 -1.68 8.13
C ARG A 480 7.84 -0.61 7.08
N ASN A 481 8.22 0.63 7.35
CA ASN A 481 7.85 1.75 6.48
C ASN A 481 8.88 1.94 5.37
N ALA A 482 9.22 0.84 4.70
CA ALA A 482 10.14 0.88 3.58
C ALA A 482 9.50 1.58 2.38
N1 XG4 E . 0.25 -6.48 -4.52
C2 XG4 E . 0.22 -7.15 -3.32
N2 XG4 E . 0.31 -8.48 -3.39
N3 XG4 E . 0.10 -6.56 -2.13
C4 XG4 E . 0.01 -5.21 -2.23
C5 XG4 E . 0.04 -4.46 -3.38
C6 XG4 E . 0.16 -5.09 -4.65
O6 XG4 E . 0.21 -4.56 -5.76
N7 XG4 E . -0.07 -3.11 -3.06
C8 XG4 E . -0.16 -3.08 -1.75
N9 XG4 E . -0.11 -4.33 -1.19
PA XG4 E . -2.88 -0.15 0.47
PB XG4 E . -1.19 1.23 2.54
PG XG4 E . -2.27 3.87 1.89
C1' XG4 E . -0.17 -4.67 0.22
O1A XG4 E . -3.00 0.11 -0.99
O1B XG4 E . -2.21 0.92 3.56
O1G XG4 E . -1.89 4.27 0.50
C2' XG4 E . 0.87 -3.91 1.03
O2A XG4 E . -4.11 -0.01 1.29
O2B XG4 E . 0.22 0.87 2.89
O2G XG4 E . -2.21 5.01 2.84
C3' XG4 E . 0.08 -2.69 1.50
O3' XG4 E . 0.59 -2.13 2.70
N3A XG4 E . -1.59 0.69 1.05
O3B XG4 E . -1.15 2.82 2.38
O3G XG4 E . -3.55 3.17 1.93
C4' XG4 E . -1.27 -3.32 1.79
O4' XG4 E . -1.45 -4.30 0.73
C5' XG4 E . -2.44 -2.37 1.82
O5' XG4 E . -2.55 -1.71 0.56
K K F . -5.51 3.70 -9.43
MG MG G . -6.22 -0.70 0.78
MG MG H . -4.28 1.37 2.99
MG MG I . 16.16 -4.39 -18.90
#